data_1JN1
#
_entry.id   1JN1
#
_cell.length_a   112.3
_cell.length_b   112.3
_cell.length_c   187.6
_cell.angle_alpha   90.0
_cell.angle_beta   90.0
_cell.angle_gamma   90.0
#
_symmetry.space_group_name_H-M   'I 41 2 2'
#
loop_
_entity.id
_entity.type
_entity.pdbx_description
1 polymer '2C-METHYL-D-ERYTHRITOL 2,4-CYCLODIPHOSPHATE SYNTHASE'
2 non-polymer 'COBALT (II) ION'
3 non-polymer 'SULFATE ION'
#
_entity_poly.entity_id   1
_entity_poly.type   'polypeptide(L)'
_entity_poly.pdbx_seq_one_letter_code
;MIRIGHGFDVHAFGEDRPLIIGGVEVPYHTGFIAHSDGDVALHALTDAILGAAALGDIGKLFPDTDMQYKNADSRGLLRE
AFRQVQEKGYKIGNVDITIIAQAPKMRPHIDAMRAKIAEDLQCDIEQVNVKATTTEKLGFTGRQEGIACEAVALLIRQ
;
_entity_poly.pdbx_strand_id   A,B,C
#
# COMPACT_ATOMS: atom_id res chain seq x y z
N MET A 1 16.15 6.22 16.74
CA MET A 1 14.94 5.47 16.28
C MET A 1 14.79 5.60 14.78
N ILE A 2 14.08 4.64 14.21
CA ILE A 2 13.78 4.63 12.77
C ILE A 2 12.26 4.51 12.64
N ARG A 3 11.69 5.27 11.72
CA ARG A 3 10.26 5.21 11.54
C ARG A 3 9.77 4.87 10.11
N ILE A 4 8.78 3.97 10.00
CA ILE A 4 8.17 3.59 8.72
C ILE A 4 6.92 4.47 8.50
N GLY A 5 6.62 4.77 7.25
CA GLY A 5 5.44 5.58 6.95
C GLY A 5 4.81 5.17 5.64
N HIS A 6 3.52 5.44 5.47
CA HIS A 6 2.83 5.09 4.23
C HIS A 6 1.71 6.06 3.95
N GLY A 7 1.59 6.44 2.68
CA GLY A 7 0.57 7.38 2.27
C GLY A 7 0.03 7.00 0.91
N PHE A 8 -1.25 7.29 0.71
CA PHE A 8 -1.94 6.93 -0.50
C PHE A 8 -2.84 8.06 -0.99
N ASP A 9 -2.93 8.27 -2.31
CA ASP A 9 -3.78 9.34 -2.87
C ASP A 9 -4.38 9.02 -4.21
N VAL A 10 -5.63 9.41 -4.35
CA VAL A 10 -6.36 9.20 -5.58
C VAL A 10 -6.85 10.54 -6.07
N HIS A 11 -6.74 10.83 -7.36
CA HIS A 11 -7.27 12.11 -7.82
C HIS A 11 -7.93 11.98 -9.15
N ALA A 12 -9.04 12.68 -9.32
CA ALA A 12 -9.75 12.69 -10.57
C ALA A 12 -9.05 13.74 -11.42
N PHE A 13 -9.25 13.65 -12.73
CA PHE A 13 -8.63 14.57 -13.67
C PHE A 13 -9.45 15.82 -13.79
N GLY A 14 -10.71 15.68 -13.43
CA GLY A 14 -11.62 16.78 -13.50
C GLY A 14 -11.50 17.87 -12.46
N GLU A 15 -11.79 19.07 -12.97
CA GLU A 15 -11.80 20.31 -12.24
C GLU A 15 -13.19 20.54 -11.63
N ASP A 16 -13.26 20.35 -10.31
CA ASP A 16 -14.49 20.58 -9.54
C ASP A 16 -14.57 22.07 -9.29
N ARG A 17 -15.71 22.56 -8.83
CA ARG A 17 -15.77 24.00 -8.64
C ARG A 17 -16.08 24.52 -7.26
N PRO A 18 -15.74 25.79 -7.01
CA PRO A 18 -16.02 26.40 -5.71
C PRO A 18 -17.48 26.10 -5.43
N LEU A 19 -17.75 25.54 -4.27
CA LEU A 19 -19.11 25.20 -3.96
C LEU A 19 -19.70 26.34 -3.20
N ILE A 20 -20.82 26.83 -3.68
CA ILE A 20 -21.47 27.92 -2.98
C ILE A 20 -22.92 27.52 -2.73
N ILE A 21 -23.27 27.34 -1.45
CA ILE A 21 -24.63 26.96 -1.08
C ILE A 21 -25.34 27.94 -0.15
N GLY A 22 -26.42 28.52 -0.62
CA GLY A 22 -27.19 29.42 0.22
C GLY A 22 -26.48 30.68 0.63
N GLY A 23 -25.51 31.09 -0.16
CA GLY A 23 -24.70 32.24 0.15
C GLY A 23 -23.33 31.64 0.49
N VAL A 24 -23.21 31.11 1.70
CA VAL A 24 -21.98 30.46 2.19
C VAL A 24 -21.17 29.61 1.19
N GLU A 25 -19.88 29.44 1.46
CA GLU A 25 -19.04 28.60 0.61
C GLU A 25 -18.72 27.36 1.43
N VAL A 26 -19.17 26.21 0.96
CA VAL A 26 -18.95 24.97 1.68
C VAL A 26 -17.73 24.26 1.16
N PRO A 27 -16.83 23.90 2.08
CA PRO A 27 -15.56 23.21 1.83
C PRO A 27 -15.66 21.69 1.67
N TYR A 28 -15.68 21.23 0.43
CA TYR A 28 -15.78 19.80 0.08
C TYR A 28 -15.35 18.73 1.11
N HIS A 29 -14.11 18.77 1.54
CA HIS A 29 -13.62 17.84 2.53
C HIS A 29 -12.51 18.64 3.20
N THR A 30 -11.69 18.02 4.04
CA THR A 30 -10.74 18.77 4.79
C THR A 30 -9.47 19.26 4.15
N GLY A 31 -8.54 18.38 3.80
CA GLY A 31 -7.34 18.94 3.19
C GLY A 31 -7.65 19.25 1.73
N PHE A 32 -8.87 19.68 1.47
CA PHE A 32 -9.27 19.94 0.10
C PHE A 32 -8.48 20.92 -0.71
N ILE A 33 -8.23 22.11 -0.18
CA ILE A 33 -7.43 23.11 -0.87
C ILE A 33 -5.99 22.61 -1.13
N ALA A 34 -5.30 22.12 -0.11
CA ALA A 34 -3.93 21.62 -0.29
C ALA A 34 -3.79 20.55 -1.42
N HIS A 35 -4.81 19.70 -1.53
CA HIS A 35 -4.88 18.64 -2.52
C HIS A 35 -5.27 19.16 -3.92
N SER A 36 -6.07 20.22 -3.98
CA SER A 36 -6.58 20.79 -5.26
C SER A 36 -5.67 20.68 -6.48
N ASP A 37 -4.37 20.77 -6.23
CA ASP A 37 -3.27 20.65 -7.18
C ASP A 37 -3.47 19.26 -7.88
N GLY A 38 -3.75 18.24 -7.07
CA GLY A 38 -3.99 16.91 -7.58
C GLY A 38 -2.72 16.14 -7.94
N ASP A 39 -1.64 16.46 -7.28
CA ASP A 39 -0.39 15.83 -7.56
C ASP A 39 -0.29 14.68 -6.58
N VAL A 40 -0.93 13.56 -6.88
CA VAL A 40 -0.93 12.37 -6.00
C VAL A 40 0.45 11.96 -5.60
N ALA A 41 1.46 12.34 -6.38
CA ALA A 41 2.80 11.89 -6.05
C ALA A 41 3.37 12.61 -4.90
N LEU A 42 3.25 13.92 -4.98
CA LEU A 42 3.81 14.74 -3.92
C LEU A 42 2.97 14.64 -2.67
N HIS A 43 1.63 14.57 -2.82
CA HIS A 43 0.75 14.50 -1.64
C HIS A 43 0.92 13.23 -0.85
N ALA A 44 1.03 12.11 -1.57
CA ALA A 44 1.15 10.79 -0.97
C ALA A 44 2.45 10.69 -0.23
N LEU A 45 3.52 11.13 -0.90
CA LEU A 45 4.86 11.14 -0.32
C LEU A 45 4.82 12.02 0.95
N THR A 46 4.09 13.13 0.90
CA THR A 46 4.01 14.00 2.07
C THR A 46 3.30 13.23 3.20
N ASP A 47 2.19 12.62 2.86
CA ASP A 47 1.44 11.85 3.79
C ASP A 47 2.35 10.80 4.40
N ALA A 48 3.27 10.23 3.65
CA ALA A 48 4.16 9.18 4.20
C ALA A 48 5.10 9.70 5.24
N ILE A 49 5.69 10.87 4.96
CA ILE A 49 6.62 11.53 5.87
C ILE A 49 5.89 11.94 7.16
N LEU A 50 4.74 12.61 7.05
CA LEU A 50 4.02 12.97 8.26
C LEU A 50 3.67 11.66 9.01
N GLY A 51 3.09 10.69 8.33
CA GLY A 51 2.75 9.45 9.00
C GLY A 51 3.94 8.87 9.75
N ALA A 52 5.14 8.93 9.16
CA ALA A 52 6.35 8.37 9.78
C ALA A 52 6.64 9.00 11.13
N ALA A 53 6.50 10.32 11.21
CA ALA A 53 6.75 11.03 12.45
C ALA A 53 5.51 11.13 13.36
N ALA A 54 4.45 10.40 13.03
CA ALA A 54 3.18 10.48 13.76
C ALA A 54 2.79 11.94 13.82
N LEU A 55 3.01 12.63 12.72
CA LEU A 55 2.67 14.03 12.68
C LEU A 55 1.24 14.26 12.19
N GLY A 56 0.55 13.19 11.82
CA GLY A 56 -0.81 13.36 11.36
C GLY A 56 -0.92 13.03 9.88
N ASP A 57 -1.13 14.06 9.05
CA ASP A 57 -1.23 13.89 7.63
C ASP A 57 -1.53 15.26 7.08
N ILE A 58 -1.68 15.34 5.75
CA ILE A 58 -1.96 16.58 5.03
C ILE A 58 -3.21 17.39 5.44
N GLY A 59 -4.27 16.72 5.89
CA GLY A 59 -5.48 17.42 6.25
C GLY A 59 -5.37 18.07 7.61
N LYS A 60 -4.40 17.61 8.39
CA LYS A 60 -4.16 18.16 9.72
C LYS A 60 -3.05 19.24 9.68
N LEU A 61 -2.07 19.16 8.77
CA LEU A 61 -1.09 20.24 8.72
C LEU A 61 -1.58 21.40 7.84
N PHE A 62 -2.68 21.18 7.13
CA PHE A 62 -3.15 22.20 6.22
C PHE A 62 -4.66 22.34 6.10
N PRO A 63 -5.35 22.63 7.20
CA PRO A 63 -6.80 22.76 7.01
C PRO A 63 -7.18 23.77 5.91
N ASP A 64 -8.36 23.59 5.30
CA ASP A 64 -8.81 24.51 4.26
C ASP A 64 -8.63 25.91 4.76
N THR A 65 -9.00 26.18 6.00
CA THR A 65 -8.86 27.54 6.43
C THR A 65 -7.39 27.92 6.29
N ASP A 66 -6.52 27.43 7.16
CA ASP A 66 -5.12 27.78 7.05
C ASP A 66 -4.59 27.85 5.63
N MET A 67 -5.04 26.93 4.76
CA MET A 67 -4.60 26.85 3.36
C MET A 67 -5.30 27.82 2.40
N GLN A 68 -6.45 28.31 2.84
CA GLN A 68 -7.29 29.27 2.11
C GLN A 68 -6.49 30.14 1.11
N TYR A 69 -5.92 31.24 1.62
CA TYR A 69 -5.16 32.20 0.80
C TYR A 69 -3.64 31.93 0.76
N LYS A 70 -3.19 30.91 1.51
CA LYS A 70 -1.79 30.50 1.53
C LYS A 70 -1.60 29.77 0.22
N ASN A 71 -0.54 30.11 -0.52
CA ASN A 71 -0.29 29.49 -1.82
C ASN A 71 -0.21 27.93 -1.91
N ALA A 72 -1.24 27.39 -2.57
CA ALA A 72 -1.44 25.95 -2.75
C ALA A 72 -0.46 25.18 -3.65
N ASP A 73 0.84 25.45 -3.55
CA ASP A 73 1.74 24.66 -4.36
C ASP A 73 2.09 23.42 -3.51
N SER A 74 1.94 22.22 -4.08
CA SER A 74 2.21 21.03 -3.28
C SER A 74 3.66 20.66 -3.07
N ARG A 75 4.57 21.37 -3.72
CA ARG A 75 5.98 21.11 -3.49
C ARG A 75 6.44 21.80 -2.20
N GLY A 76 5.90 22.99 -1.93
CA GLY A 76 6.22 23.74 -0.71
C GLY A 76 5.65 23.04 0.52
N LEU A 77 4.46 22.49 0.34
CA LEU A 77 3.81 21.69 1.37
C LEU A 77 4.75 20.51 1.70
N LEU A 78 5.29 19.84 0.69
CA LEU A 78 6.17 18.70 0.98
C LEU A 78 7.35 19.21 1.78
N ARG A 79 7.94 20.34 1.33
CA ARG A 79 9.07 20.95 2.05
C ARG A 79 8.58 21.14 3.50
N GLU A 80 7.58 22.02 3.65
CA GLU A 80 7.01 22.28 4.95
C GLU A 80 6.87 21.02 5.81
N ALA A 81 6.13 20.05 5.31
CA ALA A 81 5.94 18.84 6.10
C ALA A 81 7.29 18.34 6.60
N PHE A 82 8.29 18.37 5.72
CA PHE A 82 9.61 17.90 6.05
C PHE A 82 10.31 18.78 7.03
N ARG A 83 9.91 20.06 7.10
CA ARG A 83 10.50 21.02 8.02
C ARG A 83 10.04 20.54 9.36
N GLN A 84 8.73 20.41 9.48
CA GLN A 84 8.15 19.90 10.72
C GLN A 84 8.76 18.55 11.12
N VAL A 85 9.31 17.82 10.18
CA VAL A 85 9.87 16.51 10.43
C VAL A 85 11.31 16.49 10.95
N GLN A 86 12.02 17.59 10.78
CA GLN A 86 13.37 17.68 11.31
C GLN A 86 13.19 18.19 12.76
N GLU A 87 12.24 19.13 12.95
CA GLU A 87 11.94 19.67 14.26
C GLU A 87 11.68 18.56 15.26
N LYS A 88 11.69 17.30 14.82
CA LYS A 88 11.48 16.14 15.71
C LYS A 88 12.72 15.26 15.69
N GLY A 89 13.76 15.79 15.03
CA GLY A 89 15.04 15.12 14.94
C GLY A 89 14.95 13.90 14.09
N TYR A 90 14.46 14.11 12.86
CA TYR A 90 14.28 13.08 11.87
C TYR A 90 14.82 13.56 10.53
N LYS A 91 15.63 12.70 9.94
CA LYS A 91 16.29 12.86 8.66
C LYS A 91 15.66 11.79 7.73
N ILE A 92 15.65 12.06 6.41
CA ILE A 92 15.08 11.13 5.44
C ILE A 92 16.06 9.96 5.26
N GLY A 93 15.66 8.76 5.68
CA GLY A 93 16.48 7.59 5.52
C GLY A 93 16.46 7.43 4.02
N ASN A 94 15.32 6.99 3.49
CA ASN A 94 15.09 6.81 2.05
C ASN A 94 13.59 6.75 1.78
N VAL A 95 13.24 7.05 0.54
CA VAL A 95 11.85 7.16 0.11
C VAL A 95 11.51 6.33 -1.17
N ASP A 96 10.27 5.83 -1.25
CA ASP A 96 9.83 4.99 -2.37
C ASP A 96 8.35 5.18 -2.74
N ILE A 97 8.12 5.70 -3.93
CA ILE A 97 6.82 6.03 -4.45
C ILE A 97 6.42 5.22 -5.66
N THR A 98 5.15 4.80 -5.70
CA THR A 98 4.57 4.06 -6.84
C THR A 98 3.42 4.95 -7.38
N ILE A 99 3.43 5.22 -8.68
CA ILE A 99 2.37 6.01 -9.27
C ILE A 99 1.57 5.04 -10.12
N ILE A 100 0.25 4.99 -9.93
CA ILE A 100 -0.63 4.05 -10.66
C ILE A 100 -1.42 4.89 -11.67
N ALA A 101 -1.10 4.80 -12.95
CA ALA A 101 -1.77 5.58 -13.98
C ALA A 101 -1.68 4.88 -15.31
N GLN A 102 -2.81 4.76 -15.99
CA GLN A 102 -2.86 4.08 -17.28
C GLN A 102 -2.17 4.86 -18.36
N ALA A 103 -2.98 5.60 -19.10
CA ALA A 103 -2.46 6.35 -20.23
C ALA A 103 -1.41 7.40 -19.94
N PRO A 104 -1.63 8.22 -18.91
CA PRO A 104 -0.58 9.22 -18.67
C PRO A 104 0.83 8.61 -18.80
N LYS A 105 1.67 9.04 -19.74
CA LYS A 105 3.03 8.44 -19.82
C LYS A 105 4.12 9.14 -18.95
N MET A 106 4.51 8.46 -17.86
CA MET A 106 5.48 8.98 -16.85
C MET A 106 6.98 8.70 -17.01
N ARG A 107 7.39 7.67 -17.75
CA ARG A 107 8.82 7.39 -17.84
C ARG A 107 9.72 8.55 -18.16
N PRO A 108 9.34 9.38 -19.13
CA PRO A 108 10.17 10.54 -19.49
C PRO A 108 10.51 11.47 -18.31
N HIS A 109 9.47 11.84 -17.55
CA HIS A 109 9.59 12.76 -16.44
C HIS A 109 9.98 12.23 -15.08
N ILE A 110 10.01 10.90 -14.91
CA ILE A 110 10.32 10.37 -13.59
C ILE A 110 11.60 10.88 -12.98
N ASP A 111 12.67 11.02 -13.76
CA ASP A 111 13.91 11.51 -13.20
C ASP A 111 13.81 12.98 -12.75
N ALA A 112 13.01 13.77 -13.42
CA ALA A 112 12.83 15.16 -13.01
C ALA A 112 11.96 15.20 -11.74
N MET A 113 11.19 14.14 -11.53
CA MET A 113 10.32 13.97 -10.36
C MET A 113 11.28 13.68 -9.22
N ARG A 114 12.22 12.79 -9.48
CA ARG A 114 13.19 12.38 -8.50
C ARG A 114 14.04 13.54 -8.09
N ALA A 115 14.39 14.38 -9.07
CA ALA A 115 15.23 15.55 -8.84
C ALA A 115 14.62 16.43 -7.74
N LYS A 116 13.42 16.90 -8.00
CA LYS A 116 12.68 17.76 -7.07
C LYS A 116 12.55 17.18 -5.66
N ILE A 117 11.90 16.03 -5.51
CA ILE A 117 11.75 15.48 -4.18
C ILE A 117 13.04 15.60 -3.37
N ALA A 118 14.20 15.21 -3.93
CA ALA A 118 15.44 15.29 -3.15
C ALA A 118 15.79 16.69 -2.63
N GLU A 119 15.66 17.74 -3.43
CA GLU A 119 15.91 19.10 -2.95
C GLU A 119 14.99 19.29 -1.73
N ASP A 120 13.69 19.25 -1.97
CA ASP A 120 12.71 19.43 -0.93
C ASP A 120 13.01 18.62 0.33
N LEU A 121 13.30 17.35 0.17
CA LEU A 121 13.59 16.48 1.30
C LEU A 121 15.05 16.59 1.72
N GLN A 122 15.74 17.53 1.08
CA GLN A 122 17.14 17.76 1.36
C GLN A 122 17.80 16.42 1.54
N CYS A 123 17.64 15.55 0.57
CA CYS A 123 18.27 14.22 0.64
C CYS A 123 18.91 14.06 -0.72
N ASP A 124 19.55 12.94 -0.99
CA ASP A 124 20.09 12.84 -2.33
C ASP A 124 19.46 11.81 -3.24
N ILE A 125 19.08 12.29 -4.42
CA ILE A 125 18.44 11.51 -5.47
C ILE A 125 18.57 10.01 -5.21
N GLU A 126 19.80 9.56 -5.08
CA GLU A 126 20.04 8.16 -4.82
C GLU A 126 19.24 7.48 -3.67
N GLN A 127 18.53 8.26 -2.83
CA GLN A 127 17.74 7.60 -1.78
C GLN A 127 16.25 7.88 -1.98
N VAL A 128 15.93 8.30 -3.21
CA VAL A 128 14.59 8.60 -3.65
C VAL A 128 14.22 7.83 -4.94
N ASN A 129 13.50 6.72 -4.80
CA ASN A 129 13.09 5.93 -5.95
C ASN A 129 11.70 6.23 -6.37
N VAL A 130 11.48 6.42 -7.66
CA VAL A 130 10.16 6.70 -8.19
C VAL A 130 9.67 5.75 -9.31
N LYS A 131 8.42 5.33 -9.28
CA LYS A 131 7.93 4.47 -10.35
C LYS A 131 6.46 4.50 -10.76
N ALA A 132 6.19 4.10 -11.99
CA ALA A 132 4.82 4.06 -12.46
C ALA A 132 4.51 2.65 -12.94
N THR A 133 3.26 2.24 -12.75
CA THR A 133 2.74 0.94 -13.17
C THR A 133 1.30 1.23 -13.59
N THR A 134 0.68 0.32 -14.33
CA THR A 134 -0.69 0.54 -14.77
C THR A 134 -1.52 -0.61 -14.26
N THR A 135 -2.81 -0.39 -14.17
CA THR A 135 -3.72 -1.41 -13.67
C THR A 135 -4.30 -2.26 -14.79
N GLU A 136 -3.54 -2.40 -15.87
CA GLU A 136 -3.94 -3.21 -16.98
C GLU A 136 -5.37 -2.92 -17.46
N LYS A 137 -5.69 -1.65 -17.68
CA LYS A 137 -7.01 -1.27 -18.18
C LYS A 137 -8.19 -1.54 -17.26
N LEU A 138 -7.92 -2.10 -16.09
CA LEU A 138 -8.93 -2.38 -15.07
C LEU A 138 -9.03 -1.24 -14.06
N GLY A 139 -10.14 -1.19 -13.32
CA GLY A 139 -10.34 -0.17 -12.30
C GLY A 139 -10.62 1.24 -12.70
N PHE A 140 -10.75 2.18 -11.75
CA PHE A 140 -10.98 3.56 -12.18
C PHE A 140 -9.72 4.17 -12.81
N THR A 141 -8.53 3.65 -12.50
CA THR A 141 -7.32 4.21 -13.08
C THR A 141 -7.20 3.71 -14.52
N GLY A 142 -7.78 2.55 -14.80
CA GLY A 142 -7.72 2.01 -16.13
C GLY A 142 -8.80 2.52 -17.06
N ARG A 143 -9.95 2.95 -16.55
CA ARG A 143 -11.02 3.48 -17.41
C ARG A 143 -10.66 4.93 -17.65
N GLN A 144 -9.49 5.28 -17.14
CA GLN A 144 -8.98 6.61 -17.29
C GLN A 144 -9.70 7.69 -16.59
N GLU A 145 -10.36 7.37 -15.48
CA GLU A 145 -11.06 8.35 -14.69
C GLU A 145 -10.16 9.07 -13.69
N GLY A 146 -8.98 8.55 -13.46
CA GLY A 146 -8.16 9.26 -12.54
C GLY A 146 -6.83 8.64 -12.36
N ILE A 147 -6.14 9.15 -11.35
CA ILE A 147 -4.79 8.71 -11.05
C ILE A 147 -4.59 8.44 -9.53
N ALA A 148 -3.62 7.58 -9.18
CA ALA A 148 -3.31 7.20 -7.79
C ALA A 148 -1.83 7.03 -7.55
N CYS A 149 -1.45 6.94 -6.29
CA CYS A 149 -0.04 6.75 -5.96
C CYS A 149 0.13 6.34 -4.51
N GLU A 150 0.99 5.37 -4.23
CA GLU A 150 1.25 4.94 -2.84
C GLU A 150 2.69 5.38 -2.60
N ALA A 151 3.05 5.64 -1.36
CA ALA A 151 4.39 6.08 -1.07
C ALA A 151 4.77 5.46 0.22
N VAL A 152 6.03 5.15 0.37
CA VAL A 152 6.44 4.50 1.60
C VAL A 152 7.66 5.24 2.12
N ALA A 153 7.82 5.33 3.44
CA ALA A 153 8.97 6.05 4.01
C ALA A 153 9.58 5.35 5.15
N LEU A 154 10.89 5.62 5.30
CA LEU A 154 11.73 5.10 6.40
C LEU A 154 12.43 6.33 6.87
N LEU A 155 12.08 6.84 8.05
CA LEU A 155 12.74 8.02 8.62
C LEU A 155 13.82 7.58 9.61
N ILE A 156 14.98 8.24 9.53
CA ILE A 156 16.12 7.88 10.39
C ILE A 156 16.45 9.11 11.20
N ARG A 157 17.14 8.94 12.33
CA ARG A 157 17.59 10.05 13.18
C ARG A 157 17.08 9.97 14.64
N MET B 1 22.76 0.90 7.91
CA MET B 1 21.77 1.46 6.91
C MET B 1 20.64 0.49 6.46
N ILE B 2 19.39 0.92 6.61
CA ILE B 2 18.25 0.12 6.19
C ILE B 2 17.46 0.80 5.06
N ARG B 3 16.86 -0.03 4.21
CA ARG B 3 16.03 0.40 3.06
C ARG B 3 14.59 -0.13 3.07
N ILE B 4 13.64 0.78 2.91
CA ILE B 4 12.23 0.41 2.84
C ILE B 4 11.89 0.43 1.35
N GLY B 5 11.04 -0.52 0.97
CA GLY B 5 10.61 -0.59 -0.40
C GLY B 5 9.17 -1.07 -0.53
N HIS B 6 8.54 -0.64 -1.62
CA HIS B 6 7.17 -0.99 -1.94
C HIS B 6 6.91 -1.22 -3.43
N GLY B 7 6.14 -2.25 -3.72
CA GLY B 7 5.74 -2.59 -5.08
C GLY B 7 4.23 -2.79 -5.17
N PHE B 8 3.69 -2.62 -6.37
CA PHE B 8 2.25 -2.79 -6.57
C PHE B 8 1.92 -3.32 -7.96
N ASP B 9 1.11 -4.38 -8.05
CA ASP B 9 0.79 -4.89 -9.36
C ASP B 9 -0.67 -5.23 -9.53
N VAL B 10 -1.14 -5.17 -10.78
CA VAL B 10 -2.49 -5.52 -11.15
C VAL B 10 -2.40 -6.25 -12.45
N HIS B 11 -3.28 -7.23 -12.65
CA HIS B 11 -3.30 -7.98 -13.90
C HIS B 11 -4.67 -8.59 -14.02
N ALA B 12 -5.30 -8.42 -15.17
CA ALA B 12 -6.61 -8.95 -15.44
C ALA B 12 -6.65 -10.47 -15.76
N PHE B 13 -7.77 -11.13 -15.52
CA PHE B 13 -7.81 -12.55 -15.78
C PHE B 13 -7.86 -12.89 -17.24
N GLY B 14 -8.44 -11.99 -18.04
CA GLY B 14 -8.54 -12.24 -19.47
C GLY B 14 -7.24 -12.13 -20.23
N GLU B 15 -7.16 -12.84 -21.33
CA GLU B 15 -5.98 -12.79 -22.14
C GLU B 15 -6.29 -11.84 -23.29
N ASP B 16 -5.26 -11.17 -23.80
CA ASP B 16 -5.40 -10.24 -24.92
C ASP B 16 -4.63 -10.66 -26.18
N ARG B 17 -5.28 -10.65 -27.32
CA ARG B 17 -4.55 -10.98 -28.54
C ARG B 17 -3.54 -9.82 -28.73
N PRO B 18 -2.34 -10.11 -29.22
CA PRO B 18 -1.38 -9.01 -29.39
C PRO B 18 -1.85 -7.90 -30.34
N LEU B 19 -1.52 -6.66 -29.99
CA LEU B 19 -1.90 -5.48 -30.76
C LEU B 19 -1.14 -5.30 -32.05
N ILE B 20 -1.83 -5.43 -33.18
CA ILE B 20 -1.19 -5.21 -34.48
C ILE B 20 -2.05 -4.14 -35.13
N ILE B 21 -1.48 -2.97 -35.38
CA ILE B 21 -2.23 -1.89 -36.00
C ILE B 21 -1.40 -1.40 -37.12
N GLY B 22 -1.93 -1.49 -38.34
CA GLY B 22 -1.22 -0.99 -39.50
C GLY B 22 -0.16 -1.96 -39.95
N GLY B 23 -0.28 -3.19 -39.47
CA GLY B 23 0.69 -4.21 -39.82
C GLY B 23 1.84 -4.28 -38.83
N VAL B 24 1.85 -3.34 -37.87
CA VAL B 24 2.91 -3.24 -36.88
C VAL B 24 2.57 -3.68 -35.48
N GLU B 25 3.48 -4.42 -34.87
CA GLU B 25 3.24 -4.87 -33.48
C GLU B 25 3.52 -3.71 -32.57
N VAL B 26 2.51 -3.37 -31.78
CA VAL B 26 2.63 -2.26 -30.89
C VAL B 26 2.30 -2.68 -29.47
N PRO B 27 3.26 -2.53 -28.57
CA PRO B 27 3.13 -2.89 -27.15
C PRO B 27 2.13 -2.00 -26.42
N TYR B 28 1.39 -2.55 -25.45
CA TYR B 28 0.44 -1.72 -24.72
C TYR B 28 1.11 -0.80 -23.68
N HIS B 29 2.31 -1.18 -23.23
CA HIS B 29 3.05 -0.35 -22.29
C HIS B 29 4.51 -0.71 -22.19
N THR B 30 5.23 0.09 -21.39
CA THR B 30 6.66 -0.02 -21.18
C THR B 30 7.30 -1.40 -20.89
N GLY B 31 6.91 -2.05 -19.81
CA GLY B 31 7.55 -3.32 -19.53
C GLY B 31 6.52 -4.37 -19.73
N PHE B 32 5.99 -4.43 -20.92
CA PHE B 32 4.96 -5.38 -21.23
C PHE B 32 5.37 -6.85 -21.15
N ILE B 33 6.46 -7.21 -21.83
CA ILE B 33 6.92 -8.60 -21.85
C ILE B 33 7.34 -9.02 -20.45
N ALA B 34 8.03 -8.11 -19.74
CA ALA B 34 8.51 -8.39 -18.38
C ALA B 34 7.37 -8.92 -17.48
N HIS B 35 6.22 -8.29 -17.60
CA HIS B 35 5.00 -8.63 -16.87
C HIS B 35 4.11 -9.67 -17.54
N SER B 36 4.43 -10.17 -18.74
CA SER B 36 3.53 -11.14 -19.41
C SER B 36 3.09 -12.31 -18.55
N ASP B 37 3.96 -12.75 -17.66
CA ASP B 37 3.71 -13.84 -16.71
C ASP B 37 2.36 -13.63 -16.05
N GLY B 38 2.16 -12.43 -15.50
CA GLY B 38 0.93 -12.09 -14.81
C GLY B 38 1.11 -12.34 -13.33
N ASP B 39 2.30 -12.76 -12.95
CA ASP B 39 2.58 -13.05 -11.58
C ASP B 39 2.63 -11.77 -10.74
N VAL B 40 1.45 -11.32 -10.31
CA VAL B 40 1.39 -10.11 -9.52
C VAL B 40 2.21 -10.26 -8.25
N ALA B 41 2.28 -11.46 -7.70
CA ALA B 41 3.02 -11.67 -6.46
C ALA B 41 4.53 -11.48 -6.59
N LEU B 42 5.12 -12.02 -7.64
CA LEU B 42 6.54 -11.82 -7.74
C LEU B 42 6.91 -10.45 -8.31
N HIS B 43 6.03 -9.80 -9.08
CA HIS B 43 6.39 -8.48 -9.64
C HIS B 43 6.36 -7.38 -8.60
N ALA B 44 5.38 -7.44 -7.72
CA ALA B 44 5.23 -6.47 -6.68
C ALA B 44 6.44 -6.61 -5.77
N LEU B 45 6.74 -7.84 -5.38
CA LEU B 45 7.89 -8.08 -4.52
C LEU B 45 9.20 -7.67 -5.20
N THR B 46 9.24 -7.76 -6.53
CA THR B 46 10.41 -7.37 -7.31
C THR B 46 10.59 -5.85 -7.27
N ASP B 47 9.54 -5.08 -7.58
CA ASP B 47 9.63 -3.63 -7.58
C ASP B 47 9.79 -3.08 -6.21
N ALA B 48 9.40 -3.87 -5.22
CA ALA B 48 9.54 -3.48 -3.85
C ALA B 48 11.04 -3.45 -3.58
N ILE B 49 11.66 -4.61 -3.75
CA ILE B 49 13.09 -4.82 -3.58
C ILE B 49 13.86 -3.80 -4.43
N LEU B 50 13.54 -3.72 -5.71
CA LEU B 50 14.18 -2.74 -6.57
C LEU B 50 13.98 -1.34 -6.02
N GLY B 51 12.76 -0.99 -5.65
CA GLY B 51 12.50 0.33 -5.11
C GLY B 51 13.31 0.73 -3.87
N ALA B 52 13.62 -0.21 -3.00
CA ALA B 52 14.40 0.17 -1.80
C ALA B 52 15.80 0.49 -2.26
N ALA B 53 16.38 -0.46 -2.99
CA ALA B 53 17.71 -0.32 -3.54
C ALA B 53 17.79 0.95 -4.41
N ALA B 54 16.65 1.57 -4.70
CA ALA B 54 16.54 2.76 -5.56
C ALA B 54 16.99 2.56 -7.01
N LEU B 55 16.46 1.50 -7.65
CA LEU B 55 16.81 1.14 -9.03
C LEU B 55 15.71 1.24 -10.10
N GLY B 56 14.57 1.84 -9.79
CA GLY B 56 13.49 1.91 -10.76
C GLY B 56 12.49 0.77 -10.55
N ASP B 57 12.13 0.08 -11.61
CA ASP B 57 11.20 -1.02 -11.48
C ASP B 57 11.35 -2.01 -12.59
N ILE B 58 10.51 -3.03 -12.58
CA ILE B 58 10.57 -4.06 -13.60
C ILE B 58 10.79 -3.45 -14.99
N GLY B 59 10.15 -2.31 -15.24
CA GLY B 59 10.22 -1.66 -16.54
C GLY B 59 11.50 -0.92 -16.90
N LYS B 60 12.40 -0.73 -15.95
CA LYS B 60 13.61 -0.02 -16.24
C LYS B 60 14.73 -1.06 -16.36
N LEU B 61 14.61 -2.17 -15.62
CA LEU B 61 15.62 -3.23 -15.72
C LEU B 61 15.30 -4.25 -16.84
N PHE B 62 14.05 -4.30 -17.25
CA PHE B 62 13.67 -5.23 -18.28
C PHE B 62 12.88 -4.59 -19.40
N PRO B 63 13.44 -3.54 -19.99
CA PRO B 63 12.73 -2.88 -21.07
C PRO B 63 12.35 -3.95 -22.10
N ASP B 64 11.26 -3.74 -22.85
CA ASP B 64 10.81 -4.69 -23.88
C ASP B 64 11.83 -4.84 -24.99
N THR B 65 12.74 -3.88 -25.03
CA THR B 65 13.78 -3.94 -26.01
C THR B 65 14.80 -5.02 -25.59
N ASP B 66 15.37 -4.94 -24.38
CA ASP B 66 16.32 -5.98 -23.94
C ASP B 66 15.62 -7.30 -23.74
N MET B 67 14.36 -7.23 -23.29
CA MET B 67 13.53 -8.40 -22.98
C MET B 67 13.01 -9.12 -24.22
N GLN B 68 13.40 -8.57 -25.36
CA GLN B 68 13.02 -9.04 -26.69
C GLN B 68 13.10 -10.56 -26.96
N TYR B 69 14.19 -11.19 -26.51
CA TYR B 69 14.36 -12.62 -26.70
C TYR B 69 14.75 -13.31 -25.42
N LYS B 70 15.19 -12.51 -24.44
CA LYS B 70 15.57 -13.02 -23.14
C LYS B 70 14.36 -13.66 -22.47
N ASN B 71 14.57 -14.63 -21.58
CA ASN B 71 13.46 -15.31 -20.90
C ASN B 71 12.80 -14.42 -19.80
N ALA B 72 11.49 -14.17 -19.98
CA ALA B 72 10.69 -13.32 -19.10
C ALA B 72 9.91 -14.01 -17.96
N ASP B 73 10.39 -15.13 -17.47
CA ASP B 73 9.68 -15.77 -16.36
C ASP B 73 9.96 -14.92 -15.14
N SER B 74 8.89 -14.55 -14.43
CA SER B 74 8.97 -13.68 -13.25
C SER B 74 9.93 -14.09 -12.15
N ARG B 75 9.98 -15.39 -11.87
CA ARG B 75 10.88 -15.94 -10.87
C ARG B 75 12.35 -15.62 -11.21
N GLY B 76 12.66 -15.76 -12.49
CA GLY B 76 13.99 -15.46 -12.98
C GLY B 76 14.26 -14.00 -12.89
N LEU B 77 13.25 -13.16 -13.14
CA LEU B 77 13.41 -11.71 -13.05
C LEU B 77 13.68 -11.38 -11.61
N LEU B 78 12.96 -12.05 -10.70
CA LEU B 78 13.13 -11.82 -9.27
C LEU B 78 14.60 -11.92 -8.99
N ARG B 79 15.13 -13.11 -9.30
CA ARG B 79 16.54 -13.42 -9.10
C ARG B 79 17.43 -12.37 -9.73
N GLU B 80 17.28 -12.09 -11.02
CA GLU B 80 18.12 -11.05 -11.63
C GLU B 80 18.08 -9.69 -10.91
N ALA B 81 16.91 -9.29 -10.41
CA ALA B 81 16.82 -8.04 -9.68
C ALA B 81 17.55 -8.21 -8.31
N PHE B 82 17.48 -9.40 -7.73
CA PHE B 82 18.19 -9.60 -6.47
C PHE B 82 19.70 -9.57 -6.72
N ARG B 83 20.11 -9.89 -7.94
CA ARG B 83 21.53 -9.87 -8.24
C ARG B 83 21.91 -8.42 -8.09
N GLN B 84 21.30 -7.54 -8.88
CA GLN B 84 21.59 -6.11 -8.82
C GLN B 84 21.41 -5.51 -7.45
N VAL B 85 20.51 -6.10 -6.66
CA VAL B 85 20.25 -5.65 -5.29
C VAL B 85 21.50 -5.91 -4.44
N GLN B 86 21.85 -7.19 -4.31
CA GLN B 86 23.03 -7.58 -3.58
C GLN B 86 24.19 -6.81 -4.14
N GLU B 87 24.22 -6.60 -5.46
CA GLU B 87 25.34 -5.89 -6.09
C GLU B 87 25.68 -4.55 -5.44
N LYS B 88 24.74 -4.00 -4.70
CA LYS B 88 24.97 -2.72 -4.06
C LYS B 88 25.15 -2.97 -2.57
N GLY B 89 25.47 -4.23 -2.26
CA GLY B 89 25.69 -4.68 -0.89
C GLY B 89 24.43 -4.59 -0.06
N TYR B 90 23.51 -5.54 -0.27
CA TYR B 90 22.21 -5.62 0.43
C TYR B 90 21.67 -7.03 0.60
N LYS B 91 21.22 -7.39 1.80
CA LYS B 91 20.63 -8.71 1.99
C LYS B 91 19.16 -8.45 2.24
N ILE B 92 18.33 -9.41 1.89
CA ILE B 92 16.92 -9.21 2.14
C ILE B 92 16.69 -9.10 3.64
N GLY B 93 16.60 -7.88 4.14
CA GLY B 93 16.29 -7.74 5.54
C GLY B 93 15.05 -8.60 5.73
N ASN B 94 13.89 -8.07 5.34
CA ASN B 94 12.61 -8.80 5.46
C ASN B 94 11.62 -8.42 4.33
N VAL B 95 10.67 -9.30 4.06
CA VAL B 95 9.72 -9.06 2.98
C VAL B 95 8.25 -9.45 3.30
N ASP B 96 7.31 -8.52 3.08
CA ASP B 96 5.88 -8.81 3.34
C ASP B 96 5.00 -8.54 2.11
N ILE B 97 4.12 -9.51 1.83
CA ILE B 97 3.27 -9.52 0.64
C ILE B 97 1.78 -9.75 0.80
N THR B 98 0.98 -8.90 0.17
CA THR B 98 -0.48 -9.06 0.25
C THR B 98 -1.11 -9.27 -1.10
N ILE B 99 -1.66 -10.43 -1.34
CA ILE B 99 -2.33 -10.70 -2.60
C ILE B 99 -3.77 -10.24 -2.39
N ILE B 100 -4.37 -9.57 -3.39
CA ILE B 100 -5.75 -9.11 -3.23
C ILE B 100 -6.51 -9.76 -4.35
N ALA B 101 -7.26 -10.78 -4.01
CA ALA B 101 -8.01 -11.53 -5.00
C ALA B 101 -9.30 -11.90 -4.30
N GLN B 102 -10.35 -11.91 -5.08
CA GLN B 102 -11.66 -12.16 -4.53
C GLN B 102 -11.91 -13.60 -4.39
N ALA B 103 -11.52 -14.32 -5.43
CA ALA B 103 -11.85 -15.69 -5.50
C ALA B 103 -10.81 -16.75 -5.49
N PRO B 104 -10.10 -16.95 -6.62
CA PRO B 104 -9.07 -18.03 -6.62
C PRO B 104 -8.42 -18.22 -5.23
N LYS B 105 -8.99 -19.07 -4.36
CA LYS B 105 -8.41 -19.23 -3.02
C LYS B 105 -6.96 -19.68 -3.11
N MET B 106 -6.09 -19.00 -2.34
CA MET B 106 -4.66 -19.25 -2.36
C MET B 106 -4.02 -19.78 -1.08
N ARG B 107 -4.78 -19.83 0.00
CA ARG B 107 -4.20 -20.32 1.25
C ARG B 107 -3.37 -21.57 0.94
N PRO B 108 -3.96 -22.55 0.24
CA PRO B 108 -3.26 -23.79 -0.11
C PRO B 108 -1.86 -23.66 -0.69
N HIS B 109 -1.68 -22.69 -1.58
CA HIS B 109 -0.42 -22.54 -2.30
C HIS B 109 0.51 -21.50 -1.71
N ILE B 110 0.16 -21.01 -0.56
CA ILE B 110 0.96 -19.99 0.06
C ILE B 110 2.28 -20.38 0.63
N ASP B 111 2.36 -21.42 1.44
CA ASP B 111 3.67 -21.74 2.01
C ASP B 111 4.63 -22.15 0.93
N ALA B 112 4.09 -22.67 -0.17
CA ALA B 112 4.92 -23.07 -1.30
C ALA B 112 5.49 -21.81 -1.99
N MET B 113 4.72 -20.73 -2.02
CA MET B 113 5.17 -19.46 -2.60
C MET B 113 6.37 -18.94 -1.78
N ARG B 114 6.22 -18.89 -0.46
CA ARG B 114 7.27 -18.43 0.46
C ARG B 114 8.57 -19.17 0.20
N ALA B 115 8.45 -20.49 0.16
CA ALA B 115 9.55 -21.41 -0.11
C ALA B 115 10.41 -20.89 -1.25
N LYS B 116 9.76 -20.64 -2.38
CA LYS B 116 10.38 -20.17 -3.61
C LYS B 116 10.93 -18.78 -3.53
N ILE B 117 10.16 -17.90 -2.93
CA ILE B 117 10.59 -16.55 -2.82
C ILE B 117 11.84 -16.53 -1.93
N ALA B 118 11.88 -17.41 -0.92
CA ALA B 118 13.01 -17.47 0.01
C ALA B 118 14.30 -17.75 -0.75
N GLU B 119 14.26 -18.80 -1.58
CA GLU B 119 15.38 -19.20 -2.41
C GLU B 119 15.87 -18.12 -3.36
N ASP B 120 14.90 -17.52 -4.05
CA ASP B 120 15.23 -16.51 -5.02
C ASP B 120 15.90 -15.36 -4.34
N LEU B 121 15.60 -15.15 -3.07
CA LEU B 121 16.21 -14.06 -2.32
C LEU B 121 17.36 -14.50 -1.40
N GLN B 122 17.59 -15.81 -1.37
CA GLN B 122 18.67 -16.35 -0.60
C GLN B 122 18.54 -16.16 0.91
N CYS B 123 17.36 -15.73 1.35
CA CYS B 123 17.13 -15.57 2.77
C CYS B 123 16.41 -16.87 3.09
N ASP B 124 15.75 -16.94 4.23
CA ASP B 124 15.04 -18.16 4.58
C ASP B 124 13.58 -17.88 4.81
N ILE B 125 12.79 -18.92 4.60
CA ILE B 125 11.34 -18.90 4.76
C ILE B 125 10.84 -17.99 5.85
N GLU B 126 11.63 -17.71 6.86
CA GLU B 126 11.12 -16.89 7.96
C GLU B 126 11.05 -15.39 7.74
N GLN B 127 11.92 -14.84 6.88
CA GLN B 127 11.89 -13.39 6.62
C GLN B 127 11.01 -13.08 5.37
N VAL B 128 10.04 -13.97 5.10
CA VAL B 128 9.13 -13.86 3.96
C VAL B 128 7.70 -14.20 4.31
N ASN B 129 6.83 -13.20 4.48
CA ASN B 129 5.43 -13.52 4.77
C ASN B 129 4.61 -13.26 3.52
N VAL B 130 3.54 -14.05 3.36
CA VAL B 130 2.63 -13.97 2.21
C VAL B 130 1.16 -14.19 2.62
N LYS B 131 0.30 -13.19 2.47
CA LYS B 131 -1.12 -13.37 2.82
C LYS B 131 -2.07 -13.10 1.70
N ALA B 132 -3.37 -13.30 1.94
CA ALA B 132 -4.42 -13.07 0.93
C ALA B 132 -5.74 -12.56 1.51
N THR B 133 -6.25 -11.49 0.93
CA THR B 133 -7.46 -10.85 1.37
C THR B 133 -8.36 -10.68 0.14
N THR B 134 -9.62 -10.34 0.40
CA THR B 134 -10.56 -10.12 -0.67
C THR B 134 -11.05 -8.72 -0.45
N THR B 135 -11.46 -8.08 -1.51
CA THR B 135 -11.97 -6.75 -1.37
C THR B 135 -13.48 -6.89 -1.19
N GLU B 136 -13.86 -7.96 -0.48
CA GLU B 136 -15.25 -8.23 -0.18
C GLU B 136 -16.26 -7.93 -1.30
N LYS B 137 -16.01 -8.52 -2.47
CA LYS B 137 -16.89 -8.38 -3.63
C LYS B 137 -16.94 -7.02 -4.31
N LEU B 138 -16.13 -6.08 -3.83
CA LEU B 138 -16.11 -4.73 -4.41
C LEU B 138 -14.93 -4.53 -5.32
N GLY B 139 -15.04 -3.50 -6.15
CA GLY B 139 -13.98 -3.16 -7.06
C GLY B 139 -13.76 -4.22 -8.12
N PHE B 140 -12.70 -4.03 -8.89
CA PHE B 140 -12.43 -4.95 -9.96
C PHE B 140 -11.90 -6.27 -9.47
N THR B 141 -11.20 -6.27 -8.35
CA THR B 141 -10.71 -7.56 -7.83
C THR B 141 -11.95 -8.30 -7.33
N GLY B 142 -12.84 -7.54 -6.71
CA GLY B 142 -14.08 -8.10 -6.18
C GLY B 142 -15.05 -8.59 -7.25
N ARG B 143 -15.15 -7.85 -8.36
CA ARG B 143 -16.02 -8.28 -9.44
C ARG B 143 -15.32 -9.40 -10.21
N GLN B 144 -14.14 -9.79 -9.70
CA GLN B 144 -13.35 -10.85 -10.31
C GLN B 144 -12.87 -10.55 -11.75
N GLU B 145 -12.52 -9.29 -12.02
CA GLU B 145 -12.02 -8.89 -13.33
C GLU B 145 -10.50 -9.06 -13.39
N GLY B 146 -9.84 -9.01 -12.24
CA GLY B 146 -8.41 -9.16 -12.15
C GLY B 146 -7.93 -9.54 -10.76
N ILE B 147 -6.65 -9.37 -10.50
CA ILE B 147 -6.03 -9.71 -9.21
C ILE B 147 -4.93 -8.72 -8.95
N ALA B 148 -4.73 -8.35 -7.71
CA ALA B 148 -3.68 -7.38 -7.36
C ALA B 148 -2.75 -7.97 -6.31
N CYS B 149 -1.72 -7.21 -6.00
CA CYS B 149 -0.79 -7.61 -5.01
C CYS B 149 0.06 -6.44 -4.66
N GLU B 150 0.33 -6.28 -3.36
CA GLU B 150 1.18 -5.20 -2.84
C GLU B 150 2.31 -5.88 -2.12
N ALA B 151 3.44 -5.22 -2.06
CA ALA B 151 4.57 -5.83 -1.40
C ALA B 151 5.47 -4.83 -0.75
N VAL B 152 5.99 -5.21 0.42
CA VAL B 152 6.94 -4.35 1.10
C VAL B 152 8.12 -5.23 1.39
N ALA B 153 9.27 -4.58 1.52
CA ALA B 153 10.53 -5.28 1.76
C ALA B 153 11.41 -4.31 2.41
N LEU B 154 12.20 -4.78 3.37
CA LEU B 154 13.16 -3.93 4.09
C LEU B 154 14.52 -4.50 3.67
N LEU B 155 15.50 -3.66 3.39
CA LEU B 155 16.82 -4.13 2.97
C LEU B 155 18.02 -3.81 3.89
N ILE B 156 18.80 -4.82 4.26
CA ILE B 156 19.97 -4.59 5.13
C ILE B 156 21.36 -4.71 4.49
N ARG B 157 22.19 -3.67 4.72
CA ARG B 157 23.58 -3.58 4.22
C ARG B 157 24.03 -2.14 3.79
N MET C 1 18.24 -6.15 13.90
CA MET C 1 16.91 -6.67 13.48
C MET C 1 15.76 -5.63 13.49
N ILE C 2 14.91 -5.76 12.49
CA ILE C 2 13.73 -4.94 12.27
C ILE C 2 12.81 -5.71 11.30
N ARG C 3 11.50 -5.57 11.45
CA ARG C 3 10.58 -6.24 10.56
C ARG C 3 9.61 -5.24 10.00
N ILE C 4 9.46 -5.27 8.68
CA ILE C 4 8.52 -4.38 8.01
C ILE C 4 7.27 -5.20 7.80
N GLY C 5 6.13 -4.59 7.97
CA GLY C 5 4.90 -5.34 7.78
C GLY C 5 3.85 -4.45 7.15
N HIS C 6 3.17 -5.02 6.16
CA HIS C 6 2.14 -4.30 5.46
C HIS C 6 0.81 -5.02 5.57
N GLY C 7 -0.26 -4.24 5.62
CA GLY C 7 -1.60 -4.82 5.74
C GLY C 7 -2.64 -4.05 4.96
N PHE C 8 -3.68 -4.74 4.54
CA PHE C 8 -4.74 -4.18 3.73
C PHE C 8 -6.00 -4.97 4.00
N ASP C 9 -7.12 -4.25 4.06
CA ASP C 9 -8.40 -4.87 4.33
C ASP C 9 -9.50 -3.98 3.78
N VAL C 10 -10.52 -4.59 3.17
CA VAL C 10 -11.65 -3.87 2.59
C VAL C 10 -12.93 -4.38 3.19
N HIS C 11 -13.86 -3.49 3.49
CA HIS C 11 -15.14 -3.93 4.06
C HIS C 11 -16.35 -3.33 3.42
N ALA C 12 -17.32 -4.16 3.10
CA ALA C 12 -18.49 -3.61 2.46
C ALA C 12 -19.36 -3.06 3.53
N PHE C 13 -20.44 -2.39 3.17
CA PHE C 13 -21.30 -1.81 4.17
C PHE C 13 -22.53 -2.64 4.50
N GLY C 14 -22.94 -3.46 3.54
CA GLY C 14 -24.12 -4.26 3.76
C GLY C 14 -23.90 -5.46 4.63
N GLU C 15 -24.98 -6.12 4.96
CA GLU C 15 -24.85 -7.31 5.76
C GLU C 15 -25.32 -8.47 4.91
N ASP C 16 -24.80 -9.66 5.18
CA ASP C 16 -25.19 -10.84 4.44
C ASP C 16 -25.84 -11.87 5.30
N ARG C 17 -27.17 -11.96 5.26
CA ARG C 17 -27.86 -12.95 6.06
C ARG C 17 -27.12 -14.27 6.05
N PRO C 18 -27.31 -15.10 7.08
CA PRO C 18 -26.66 -16.41 7.19
C PRO C 18 -27.36 -17.39 6.24
N LEU C 19 -26.58 -18.09 5.42
CA LEU C 19 -27.10 -19.01 4.43
C LEU C 19 -27.68 -20.34 4.80
N ILE C 20 -28.75 -20.73 4.08
CA ILE C 20 -29.37 -22.02 4.26
C ILE C 20 -29.80 -22.56 2.89
N ILE C 21 -29.15 -23.61 2.43
CA ILE C 21 -29.47 -24.22 1.15
C ILE C 21 -29.75 -25.71 1.34
N GLY C 22 -30.85 -26.20 0.81
CA GLY C 22 -31.16 -27.59 0.97
C GLY C 22 -31.15 -28.08 2.40
N GLY C 23 -31.45 -27.20 3.36
CA GLY C 23 -31.43 -27.60 4.77
C GLY C 23 -30.13 -27.15 5.43
N VAL C 24 -29.00 -27.59 4.91
CA VAL C 24 -27.71 -27.23 5.47
C VAL C 24 -27.40 -25.75 5.55
N GLU C 25 -26.63 -25.36 6.54
CA GLU C 25 -26.25 -23.96 6.70
C GLU C 25 -24.84 -23.81 6.14
N VAL C 26 -24.71 -23.07 5.05
CA VAL C 26 -23.41 -22.89 4.41
C VAL C 26 -22.61 -21.67 4.84
N PRO C 27 -21.32 -21.87 5.18
CA PRO C 27 -20.47 -20.73 5.59
C PRO C 27 -19.96 -20.01 4.31
N TYR C 28 -19.73 -18.70 4.37
CA TYR C 28 -19.24 -17.90 3.23
C TYR C 28 -17.68 -18.03 2.85
N HIS C 29 -16.77 -17.18 3.35
CA HIS C 29 -15.33 -17.37 3.05
C HIS C 29 -14.51 -17.50 4.34
N THR C 30 -13.45 -18.32 4.27
CA THR C 30 -12.50 -18.66 5.38
C THR C 30 -12.45 -17.81 6.65
N GLY C 31 -12.16 -16.51 6.49
CA GLY C 31 -12.09 -15.60 7.62
C GLY C 31 -13.22 -14.59 7.67
N PHE C 32 -14.43 -14.95 7.23
CA PHE C 32 -15.57 -14.01 7.24
C PHE C 32 -16.05 -13.76 8.65
N ILE C 33 -15.87 -14.74 9.50
CA ILE C 33 -16.29 -14.59 10.88
C ILE C 33 -15.43 -13.52 11.52
N ALA C 34 -14.11 -13.59 11.34
CA ALA C 34 -13.25 -12.56 11.89
C ALA C 34 -13.68 -11.17 11.32
N HIS C 35 -13.45 -10.98 10.02
CA HIS C 35 -13.76 -9.76 9.27
C HIS C 35 -15.21 -9.26 9.33
N SER C 36 -16.08 -10.03 9.97
CA SER C 36 -17.47 -9.65 10.08
C SER C 36 -17.56 -8.30 10.83
N ASP C 37 -16.75 -8.16 11.86
CA ASP C 37 -16.72 -6.94 12.68
C ASP C 37 -16.35 -5.68 11.89
N GLY C 38 -16.37 -5.80 10.56
CA GLY C 38 -16.07 -4.71 9.63
C GLY C 38 -15.29 -3.52 10.10
N ASP C 39 -14.17 -3.78 10.76
CA ASP C 39 -13.28 -2.74 11.28
C ASP C 39 -12.00 -2.77 10.48
N VAL C 40 -12.07 -2.22 9.26
CA VAL C 40 -10.92 -2.19 8.35
C VAL C 40 -9.59 -1.70 9.00
N ALA C 41 -9.63 -0.82 9.98
CA ALA C 41 -8.39 -0.35 10.54
C ALA C 41 -7.72 -1.36 11.48
N LEU C 42 -8.46 -1.83 12.46
CA LEU C 42 -7.87 -2.77 13.37
C LEU C 42 -7.49 -4.05 12.63
N HIS C 43 -8.22 -4.43 11.59
CA HIS C 43 -7.88 -5.64 10.81
C HIS C 43 -6.64 -5.47 9.94
N ALA C 44 -6.53 -4.32 9.29
CA ALA C 44 -5.40 -3.99 8.44
C ALA C 44 -4.17 -3.91 9.32
N LEU C 45 -4.32 -3.35 10.54
CA LEU C 45 -3.20 -3.26 11.46
C LEU C 45 -2.80 -4.65 11.95
N THR C 46 -3.79 -5.45 12.34
CA THR C 46 -3.52 -6.81 12.80
C THR C 46 -2.61 -7.52 11.83
N ASP C 47 -2.99 -7.55 10.54
CA ASP C 47 -2.22 -8.22 9.46
C ASP C 47 -0.79 -7.66 9.20
N ALA C 48 -0.61 -6.34 9.35
CA ALA C 48 0.69 -5.75 9.15
C ALA C 48 1.58 -6.19 10.31
N ILE C 49 0.96 -6.51 11.43
CA ILE C 49 1.73 -6.92 12.59
C ILE C 49 2.19 -8.35 12.36
N LEU C 50 1.24 -9.21 12.01
CA LEU C 50 1.54 -10.58 11.67
C LEU C 50 2.46 -10.66 10.43
N GLY C 51 2.17 -9.86 9.41
CA GLY C 51 3.01 -9.87 8.24
C GLY C 51 4.49 -9.73 8.57
N ALA C 52 4.79 -8.86 9.53
CA ALA C 52 6.17 -8.64 9.93
C ALA C 52 6.76 -9.75 10.80
N ALA C 53 5.98 -10.33 11.70
CA ALA C 53 6.53 -11.40 12.52
C ALA C 53 6.64 -12.57 11.57
N ALA C 54 5.70 -12.61 10.63
CA ALA C 54 5.61 -13.63 9.59
C ALA C 54 4.80 -14.77 10.11
N LEU C 55 3.63 -14.43 10.63
CA LEU C 55 2.69 -15.40 11.19
C LEU C 55 1.50 -15.52 10.28
N GLY C 56 1.62 -14.97 9.07
CA GLY C 56 0.51 -15.03 8.13
C GLY C 56 -0.47 -13.88 8.23
N ASP C 57 -1.73 -14.18 8.57
CA ASP C 57 -2.81 -13.17 8.66
C ASP C 57 -3.93 -13.62 9.59
N ILE C 58 -4.95 -12.81 9.78
CA ILE C 58 -5.98 -13.24 10.70
C ILE C 58 -6.56 -14.66 10.46
N GLY C 59 -7.33 -14.82 9.38
CA GLY C 59 -7.94 -16.11 9.08
C GLY C 59 -7.03 -17.33 9.27
N LYS C 60 -5.74 -17.10 9.51
CA LYS C 60 -4.82 -18.21 9.71
C LYS C 60 -5.02 -18.70 11.13
N LEU C 61 -4.70 -17.83 12.10
CA LEU C 61 -4.82 -18.15 13.55
C LEU C 61 -6.28 -18.21 14.04
N PHE C 62 -7.18 -17.78 13.16
CA PHE C 62 -8.61 -17.75 13.48
C PHE C 62 -9.42 -18.37 12.36
N PRO C 63 -9.22 -19.67 12.12
CA PRO C 63 -10.02 -20.30 11.04
C PRO C 63 -11.52 -20.30 11.36
N ASP C 64 -12.37 -20.23 10.34
CA ASP C 64 -13.81 -20.23 10.60
C ASP C 64 -14.13 -21.48 11.43
N THR C 65 -13.11 -22.33 11.62
CA THR C 65 -13.23 -23.53 12.43
C THR C 65 -13.03 -23.11 13.92
N ASP C 66 -11.79 -22.88 14.37
CA ASP C 66 -11.53 -22.47 15.78
C ASP C 66 -12.54 -21.41 16.23
N MET C 67 -12.55 -20.31 15.47
CA MET C 67 -13.38 -19.14 15.69
C MET C 67 -14.86 -19.39 15.45
N GLN C 68 -15.19 -20.67 15.19
CA GLN C 68 -16.57 -21.13 14.98
C GLN C 68 -17.46 -20.42 16.04
N TYR C 69 -16.86 -20.27 17.25
CA TYR C 69 -17.45 -19.64 18.44
C TYR C 69 -16.60 -18.49 19.04
N LYS C 70 -15.46 -18.12 18.44
CA LYS C 70 -14.63 -17.02 18.99
C LYS C 70 -15.27 -15.63 18.70
N ASN C 71 -15.02 -14.65 19.59
CA ASN C 71 -15.62 -13.31 19.43
C ASN C 71 -15.10 -12.32 18.39
N ALA C 72 -16.05 -11.91 17.55
CA ALA C 72 -15.82 -10.94 16.48
C ALA C 72 -15.53 -9.51 17.02
N ASP C 73 -14.47 -9.39 17.83
CA ASP C 73 -14.08 -8.10 18.38
C ASP C 73 -12.62 -7.88 17.97
N SER C 74 -12.47 -7.19 16.84
CA SER C 74 -11.21 -6.88 16.20
C SER C 74 -10.10 -6.43 17.13
N ARG C 75 -10.49 -5.85 18.25
CA ARG C 75 -9.55 -5.35 19.26
C ARG C 75 -8.92 -6.49 20.04
N GLY C 76 -9.68 -7.57 20.18
CA GLY C 76 -9.18 -8.74 20.85
C GLY C 76 -8.19 -9.37 19.90
N LEU C 77 -8.62 -9.63 18.66
CA LEU C 77 -7.75 -10.25 17.65
C LEU C 77 -6.44 -9.45 17.53
N LEU C 78 -6.51 -8.14 17.80
CA LEU C 78 -5.31 -7.29 17.71
C LEU C 78 -4.34 -7.61 18.86
N ARG C 79 -4.91 -7.80 20.05
CA ARG C 79 -4.13 -8.10 21.25
C ARG C 79 -3.61 -9.51 21.14
N GLU C 80 -4.39 -10.41 20.57
CA GLU C 80 -3.89 -11.77 20.40
C GLU C 80 -2.71 -11.77 19.42
N ALA C 81 -2.79 -10.89 18.44
CA ALA C 81 -1.78 -10.75 17.41
C ALA C 81 -0.54 -10.18 18.04
N PHE C 82 -0.74 -9.19 18.90
CA PHE C 82 0.42 -8.61 19.55
C PHE C 82 1.03 -9.62 20.53
N ARG C 83 0.22 -10.59 20.91
CA ARG C 83 0.68 -11.63 21.81
C ARG C 83 1.84 -12.38 21.11
N GLN C 84 1.53 -13.05 20.00
CA GLN C 84 2.53 -13.83 19.25
C GLN C 84 3.79 -13.07 18.81
N VAL C 85 3.66 -11.75 18.63
CA VAL C 85 4.73 -10.84 18.18
C VAL C 85 5.63 -10.55 19.37
N GLN C 86 5.17 -11.02 20.52
CA GLN C 86 5.92 -10.90 21.76
C GLN C 86 6.72 -12.21 21.87
N GLU C 87 6.06 -13.37 21.82
CA GLU C 87 6.77 -14.66 21.91
C GLU C 87 8.09 -14.57 21.14
N LYS C 88 7.96 -14.19 19.87
CA LYS C 88 9.08 -14.06 18.95
C LYS C 88 10.02 -12.95 19.37
N GLY C 89 9.64 -12.22 20.40
CA GLY C 89 10.50 -11.17 20.93
C GLY C 89 10.42 -9.86 20.20
N TYR C 90 9.20 -9.36 19.98
CA TYR C 90 9.04 -8.12 19.24
C TYR C 90 8.30 -6.96 19.91
N LYS C 91 8.85 -5.77 19.74
CA LYS C 91 8.26 -4.54 20.30
C LYS C 91 7.69 -3.71 19.14
N ILE C 92 6.71 -2.85 19.43
CA ILE C 92 6.13 -2.05 18.38
C ILE C 92 7.00 -0.86 18.18
N GLY C 93 7.97 -0.97 17.32
CA GLY C 93 8.79 0.21 17.08
C GLY C 93 8.01 1.39 16.55
N ASN C 94 7.09 1.12 15.62
CA ASN C 94 6.33 2.19 15.00
C ASN C 94 5.15 1.72 14.11
N VAL C 95 4.05 2.43 14.12
CA VAL C 95 2.93 2.01 13.31
C VAL C 95 2.23 3.19 12.61
N ASP C 96 1.83 2.97 11.35
CA ASP C 96 1.10 3.98 10.57
C ASP C 96 -0.07 3.38 9.74
N ILE C 97 -1.26 3.97 9.89
CA ILE C 97 -2.51 3.53 9.25
C ILE C 97 -3.27 4.60 8.45
N THR C 98 -3.67 4.28 7.22
CA THR C 98 -4.41 5.20 6.30
C THR C 98 -5.82 4.64 6.03
N ILE C 99 -6.84 5.41 6.34
CA ILE C 99 -8.24 4.99 6.09
C ILE C 99 -8.74 5.62 4.79
N ILE C 100 -9.08 4.77 3.82
CA ILE C 100 -9.60 5.23 2.55
C ILE C 100 -11.11 5.10 2.57
N ALA C 101 -11.77 6.23 2.72
CA ALA C 101 -13.21 6.22 2.81
C ALA C 101 -13.72 7.54 2.30
N GLN C 102 -14.89 7.51 1.64
CA GLN C 102 -15.42 8.75 1.06
C GLN C 102 -16.21 9.68 1.91
N ALA C 103 -17.00 9.20 2.85
CA ALA C 103 -17.74 10.20 3.58
C ALA C 103 -17.82 10.11 5.10
N PRO C 104 -17.96 8.89 5.66
CA PRO C 104 -18.05 8.97 7.12
C PRO C 104 -16.90 9.89 7.58
N LYS C 105 -17.19 10.94 8.34
CA LYS C 105 -16.12 11.78 8.82
C LYS C 105 -15.37 11.02 9.95
N MET C 106 -14.10 10.71 9.69
CA MET C 106 -13.29 9.96 10.63
C MET C 106 -12.54 10.88 11.55
N ARG C 107 -11.96 11.90 10.93
CA ARG C 107 -11.11 12.91 11.56
C ARG C 107 -11.38 13.20 13.04
N PRO C 108 -12.65 13.38 13.40
CA PRO C 108 -13.02 13.64 14.79
C PRO C 108 -12.72 12.48 15.75
N HIS C 109 -12.71 11.25 15.24
CA HIS C 109 -12.51 10.07 16.07
C HIS C 109 -11.15 9.43 15.94
N ILE C 110 -10.31 10.00 15.09
CA ILE C 110 -8.98 9.45 14.87
C ILE C 110 -8.36 9.23 16.22
N ASP C 111 -7.98 10.32 16.86
CA ASP C 111 -7.35 10.26 18.15
C ASP C 111 -7.91 9.18 19.12
N ALA C 112 -9.23 8.98 19.09
CA ALA C 112 -9.90 7.99 19.93
C ALA C 112 -9.37 6.67 19.50
N MET C 113 -9.13 6.56 18.19
CA MET C 113 -8.59 5.37 17.56
C MET C 113 -7.14 5.07 17.94
N ARG C 114 -6.28 6.07 17.88
CA ARG C 114 -4.90 5.82 18.19
C ARG C 114 -4.70 5.40 19.63
N ALA C 115 -5.59 5.87 20.51
CA ALA C 115 -5.49 5.51 21.92
C ALA C 115 -5.70 4.00 21.99
N LYS C 116 -6.91 3.55 21.71
CA LYS C 116 -7.20 2.12 21.75
C LYS C 116 -6.07 1.27 21.15
N ILE C 117 -5.53 1.71 20.01
CA ILE C 117 -4.44 1.00 19.33
C ILE C 117 -3.19 0.95 20.23
N ALA C 118 -2.78 2.08 20.81
CA ALA C 118 -1.60 2.14 21.68
C ALA C 118 -1.84 1.29 22.91
N GLU C 119 -3.10 1.23 23.31
CA GLU C 119 -3.49 0.39 24.43
C GLU C 119 -3.14 -1.06 24.06
N ASP C 120 -3.96 -1.68 23.19
CA ASP C 120 -3.80 -3.08 22.74
C ASP C 120 -2.42 -3.41 22.19
N LEU C 121 -1.69 -2.39 21.75
CA LEU C 121 -0.38 -2.62 21.20
C LEU C 121 0.66 -2.20 22.22
N GLN C 122 0.21 -1.91 23.44
CA GLN C 122 1.07 -1.50 24.56
C GLN C 122 2.22 -0.63 24.15
N CYS C 123 1.93 0.55 23.67
CA CYS C 123 3.00 1.45 23.28
C CYS C 123 2.47 2.83 23.51
N ASP C 124 3.30 3.80 23.20
CA ASP C 124 2.94 5.21 23.34
C ASP C 124 2.17 5.77 22.16
N ILE C 125 1.57 6.93 22.39
CA ILE C 125 0.80 7.59 21.36
C ILE C 125 1.64 8.09 20.21
N GLU C 126 2.82 8.66 20.45
CA GLU C 126 3.60 9.12 19.29
C GLU C 126 4.14 7.93 18.52
N GLN C 127 3.69 6.74 18.93
CA GLN C 127 4.10 5.52 18.25
C GLN C 127 3.06 5.06 17.19
N VAL C 128 1.79 5.45 17.34
CA VAL C 128 0.71 5.09 16.43
C VAL C 128 0.24 6.27 15.57
N ASN C 129 -0.13 6.05 14.32
CA ASN C 129 -0.62 7.15 13.48
C ASN C 129 -1.83 6.71 12.67
N VAL C 130 -2.83 7.57 12.62
CA VAL C 130 -4.03 7.22 11.90
C VAL C 130 -4.43 8.37 11.02
N LYS C 131 -4.40 8.18 9.71
CA LYS C 131 -4.83 9.29 8.88
C LYS C 131 -6.02 8.86 8.08
N ALA C 132 -6.71 9.83 7.47
CA ALA C 132 -7.86 9.52 6.67
C ALA C 132 -7.93 10.32 5.35
N THR C 133 -8.13 9.65 4.21
CA THR C 133 -8.30 10.32 2.87
C THR C 133 -9.48 9.78 2.13
N THR C 134 -9.81 10.48 1.07
CA THR C 134 -10.93 10.12 0.22
C THR C 134 -10.32 9.82 -1.15
N THR C 135 -11.05 9.14 -2.02
CA THR C 135 -10.45 8.86 -3.32
C THR C 135 -11.12 9.69 -4.39
N GLU C 136 -11.50 10.91 -4.02
CA GLU C 136 -12.16 11.87 -4.89
C GLU C 136 -13.23 11.23 -5.77
N LYS C 137 -14.13 10.53 -5.07
CA LYS C 137 -15.28 9.82 -5.66
C LYS C 137 -14.98 8.72 -6.67
N LEU C 138 -13.73 8.31 -6.77
CA LEU C 138 -13.42 7.32 -7.76
C LEU C 138 -13.39 6.02 -7.07
N GLY C 139 -13.56 4.94 -7.83
CA GLY C 139 -13.50 3.60 -7.27
C GLY C 139 -14.65 3.18 -6.39
N PHE C 140 -14.56 1.98 -5.83
CA PHE C 140 -15.63 1.52 -4.95
C PHE C 140 -15.75 2.31 -3.64
N THR C 141 -14.64 2.87 -3.15
CA THR C 141 -14.76 3.65 -1.94
C THR C 141 -15.53 4.96 -2.19
N GLY C 142 -15.16 5.69 -3.25
CA GLY C 142 -15.80 6.97 -3.54
C GLY C 142 -17.27 6.89 -3.94
N ARG C 143 -17.66 5.70 -4.39
CA ARG C 143 -19.04 5.45 -4.79
C ARG C 143 -19.75 5.08 -3.52
N GLN C 144 -18.98 5.15 -2.44
CA GLN C 144 -19.44 4.83 -1.13
C GLN C 144 -20.07 3.48 -1.05
N GLU C 145 -19.42 2.48 -1.66
CA GLU C 145 -19.90 1.09 -1.63
C GLU C 145 -19.27 0.36 -0.48
N GLY C 146 -18.06 0.77 -0.12
CA GLY C 146 -17.33 0.17 0.98
C GLY C 146 -16.30 1.08 1.64
N ILE C 147 -15.41 0.47 2.41
CA ILE C 147 -14.41 1.25 3.13
C ILE C 147 -13.16 0.41 3.14
N ALA C 148 -12.00 1.04 3.07
CA ALA C 148 -10.76 0.26 3.02
C ALA C 148 -9.76 0.91 3.86
N CYS C 149 -8.75 0.16 4.26
CA CYS C 149 -7.68 0.69 5.12
C CYS C 149 -6.36 0.08 4.77
N GLU C 150 -5.30 0.86 4.93
CA GLU C 150 -3.95 0.36 4.66
C GLU C 150 -3.13 0.56 5.90
N ALA C 151 -2.35 -0.43 6.29
CA ALA C 151 -1.55 -0.22 7.46
C ALA C 151 -0.16 -0.73 7.19
N VAL C 152 0.83 -0.08 7.80
CA VAL C 152 2.23 -0.49 7.73
C VAL C 152 2.74 -0.42 9.17
N ALA C 153 3.44 -1.48 9.59
CA ALA C 153 3.93 -1.58 10.97
C ALA C 153 5.33 -2.02 11.06
N LEU C 154 6.06 -1.38 11.96
CA LEU C 154 7.47 -1.68 12.23
C LEU C 154 7.60 -2.52 13.51
N LEU C 155 8.58 -3.40 13.60
CA LEU C 155 8.74 -4.17 14.82
C LEU C 155 10.20 -4.17 15.16
N ILE C 156 10.51 -4.19 16.47
CA ILE C 156 11.89 -4.21 16.96
C ILE C 156 12.21 -5.43 17.81
N ARG C 157 13.52 -5.59 18.09
CA ARG C 157 14.08 -6.67 18.92
C ARG C 157 14.73 -7.83 18.12
#